data_5ZRO
#
_entry.id   5ZRO
#
_cell.length_a   31.610
_cell.length_b   72.760
_cell.length_c   57.860
_cell.angle_alpha   90.00
_cell.angle_beta   104.70
_cell.angle_gamma   90.00
#
_symmetry.space_group_name_H-M   'P 1 21 1'
#
loop_
_entity.id
_entity.type
_entity.pdbx_description
1 polymer 'Putative mutator protein MutT2/NUDIX hydrolase'
2 non-polymer "2'-DEOXY-5-METHYLCYTIDINE 5'-(TETRAHYDROGEN TRIPHOSPHATE)"
3 non-polymer 1,2-ETHANEDIOL
4 water water
#
_entity_poly.entity_id   1
_entity_poly.type   'polypeptide(L)'
_entity_poly.pdbx_seq_one_letter_code
;MGSSHHHHHHSSGLVPRGSHMTKQIVVAGALISRGTLLVAQRDRPAELAGLWELPGGKVTPGESDADALARELREELGVD
VAVGERLGADVALNDAMTLRAYRVTLRSGSPHPHDHRALRWVGADEIDGLAWVPADRAWVPDLVAALSGR
;
_entity_poly.pdbx_strand_id   A,B
#
loop_
_chem_comp.id
_chem_comp.type
_chem_comp.name
_chem_comp.formula
523 non-polymer '2'-DEOXY-5-METHYLCYTIDINE 5'-(TETRAHYDROGEN TRIPHOSPHATE)' 'C10 H19 N3 O13 P3 1'
EDO non-polymer 1,2-ETHANEDIOL 'C2 H6 O2'
#
# COMPACT_ATOMS: atom_id res chain seq x y z
N MET A 21 25.03 -0.06 33.15
CA MET A 21 24.87 0.68 31.85
C MET A 21 23.40 0.98 31.60
N THR A 22 23.16 2.09 30.92
CA THR A 22 21.84 2.50 30.54
C THR A 22 21.77 2.58 29.01
N LYS A 23 20.58 2.31 28.46
CA LYS A 23 20.38 2.31 27.02
C LYS A 23 19.98 3.69 26.45
N GLN A 24 20.48 4.02 25.25
N GLN A 24 20.43 3.96 25.22
CA GLN A 24 20.03 5.22 24.53
CA GLN A 24 20.07 5.14 24.43
C GLN A 24 18.60 4.97 24.06
C GLN A 24 18.65 5.01 23.84
N ILE A 25 17.82 6.05 24.01
CA ILE A 25 16.41 5.97 23.60
C ILE A 25 16.26 6.49 22.18
N VAL A 26 15.46 5.76 21.39
CA VAL A 26 15.03 6.19 20.07
C VAL A 26 13.51 6.25 20.13
N VAL A 27 12.97 7.41 19.75
CA VAL A 27 11.52 7.61 19.83
C VAL A 27 10.92 7.59 18.44
N ALA A 28 9.71 7.10 18.34
CA ALA A 28 9.00 6.98 17.07
C ALA A 28 7.56 7.40 17.26
N GLY A 29 6.96 7.92 16.19
CA GLY A 29 5.63 8.40 16.28
C GLY A 29 4.64 7.66 15.41
N ALA A 30 3.48 7.32 16.00
CA ALA A 30 2.37 6.74 15.29
C ALA A 30 1.31 7.81 15.07
N LEU A 31 1.39 8.47 13.91
CA LEU A 31 0.52 9.58 13.59
C LEU A 31 -0.69 8.99 12.87
N ILE A 32 -1.83 9.08 13.54
CA ILE A 32 -3.08 8.60 12.98
C ILE A 32 -3.98 9.80 12.69
N SER A 33 -4.38 9.88 11.42
CA SER A 33 -5.24 10.92 10.91
C SER A 33 -6.31 10.27 10.05
N ARG A 34 -7.57 10.57 10.35
CA ARG A 34 -8.68 10.02 9.58
C ARG A 34 -8.61 8.50 9.50
N GLY A 35 -8.28 7.86 10.62
CA GLY A 35 -8.30 6.40 10.72
C GLY A 35 -7.18 5.71 9.95
N THR A 36 -6.18 6.47 9.50
CA THR A 36 -5.04 5.89 8.80
C THR A 36 -3.76 6.29 9.50
N LEU A 37 -2.72 5.49 9.25
CA LEU A 37 -1.43 5.64 9.93
C LEU A 37 -0.40 6.12 8.93
N LEU A 38 0.39 7.11 9.33
CA LEU A 38 1.53 7.53 8.52
C LEU A 38 2.70 6.56 8.68
N VAL A 39 3.20 6.02 7.58
CA VAL A 39 4.43 5.28 7.58
C VAL A 39 5.41 5.90 6.61
N ALA A 40 6.70 5.69 6.89
CA ALA A 40 7.75 6.40 6.18
C ALA A 40 8.84 5.46 5.73
N GLN A 41 9.25 5.58 4.47
CA GLN A 41 10.18 4.63 3.88
C GLN A 41 11.61 5.16 4.00
N ARG A 42 12.43 4.44 4.77
CA ARG A 42 13.77 4.93 5.03
C ARG A 42 14.59 4.97 3.76
N ASP A 43 15.57 5.87 3.76
CA ASP A 43 16.52 5.97 2.67
C ASP A 43 17.94 5.63 3.10
N ARG A 44 18.13 5.32 4.39
CA ARG A 44 19.45 5.05 4.99
C ARG A 44 19.24 4.33 6.31
N PRO A 45 20.28 3.63 6.81
CA PRO A 45 21.46 3.20 6.06
C PRO A 45 21.09 2.10 5.10
N ALA A 46 22.07 1.52 4.42
CA ALA A 46 21.74 0.53 3.36
C ALA A 46 20.85 -0.61 3.86
N GLU A 47 21.07 -1.05 5.11
CA GLU A 47 20.37 -2.20 5.68
C GLU A 47 18.89 -1.93 5.92
N LEU A 48 18.50 -0.65 5.99
CA LEU A 48 17.12 -0.31 6.22
C LEU A 48 16.50 0.44 5.06
N ALA A 49 17.33 0.88 4.12
CA ALA A 49 16.84 1.72 3.02
C ALA A 49 15.88 0.92 2.15
N GLY A 50 14.68 1.47 1.96
CA GLY A 50 13.60 0.76 1.25
C GLY A 50 12.56 0.13 2.16
N LEU A 51 12.87 0.07 3.45
CA LEU A 51 11.94 -0.49 4.43
C LEU A 51 11.19 0.63 5.15
N TRP A 52 10.07 0.26 5.76
CA TRP A 52 9.13 1.25 6.28
C TRP A 52 9.17 1.31 7.81
N GLU A 53 8.92 2.49 8.34
CA GLU A 53 9.00 2.70 9.80
C GLU A 53 7.99 3.71 10.27
N LEU A 54 7.79 3.72 11.60
CA LEU A 54 7.26 4.91 12.24
C LEU A 54 8.37 5.96 12.35
N PRO A 55 8.15 7.16 11.81
CA PRO A 55 9.22 8.14 11.84
C PRO A 55 9.61 8.58 13.23
N GLY A 56 10.86 8.96 13.39
CA GLY A 56 11.37 9.43 14.66
C GLY A 56 12.87 9.50 14.66
N GLY A 57 13.48 9.34 15.83
CA GLY A 57 14.93 9.39 15.89
C GLY A 57 15.45 9.38 17.29
N LYS A 58 16.76 9.56 17.41
CA LYS A 58 17.43 9.49 18.70
C LYS A 58 17.09 10.70 19.53
N VAL A 59 16.92 10.44 20.83
CA VAL A 59 16.80 11.48 21.82
C VAL A 59 18.20 12.06 22.07
N THR A 60 18.29 13.37 22.05
CA THR A 60 19.58 13.99 22.31
C THR A 60 19.65 14.46 23.76
N PRO A 61 20.87 14.68 24.24
CA PRO A 61 21.02 14.98 25.65
C PRO A 61 20.14 16.14 26.14
N GLY A 62 19.47 15.93 27.27
CA GLY A 62 18.61 16.98 27.85
C GLY A 62 17.13 16.95 27.44
N GLU A 63 16.81 16.21 26.38
CA GLU A 63 15.45 16.20 25.83
C GLU A 63 14.57 15.19 26.56
N SER A 64 13.32 15.58 26.81
CA SER A 64 12.30 14.57 27.12
C SER A 64 11.92 13.78 25.84
N ASP A 65 11.32 12.61 26.02
CA ASP A 65 10.83 11.85 24.90
C ASP A 65 9.97 12.75 23.99
N ALA A 66 9.02 13.48 24.58
CA ALA A 66 8.11 14.31 23.79
C ALA A 66 8.87 15.38 23.00
N ASP A 67 9.85 16.00 23.63
CA ASP A 67 10.61 17.07 22.98
C ASP A 67 11.36 16.50 21.76
N ALA A 68 11.93 15.33 21.94
CA ALA A 68 12.72 14.69 20.90
C ALA A 68 11.82 14.30 19.75
N LEU A 69 10.69 13.68 20.05
CA LEU A 69 9.83 13.18 19.01
C LEU A 69 9.22 14.33 18.21
N ALA A 70 8.73 15.36 18.89
CA ALA A 70 8.21 16.52 18.19
C ALA A 70 9.26 17.19 17.32
N ARG A 71 10.49 17.27 17.82
CA ARG A 71 11.58 17.84 17.01
C ARG A 71 11.85 17.00 15.78
N GLU A 72 11.97 15.69 15.96
CA GLU A 72 12.22 14.79 14.82
C GLU A 72 11.16 14.90 13.76
N LEU A 73 9.89 14.97 14.17
CA LEU A 73 8.84 14.96 13.19
C LEU A 73 8.76 16.32 12.50
N ARG A 74 9.14 17.38 13.19
CA ARG A 74 9.20 18.71 12.57
C ARG A 74 10.34 18.73 11.54
N GLU A 75 11.44 18.06 11.87
CA GLU A 75 12.61 18.03 10.97
C GLU A 75 12.36 17.09 9.78
N GLU A 76 11.83 15.90 10.03
CA GLU A 76 11.72 14.89 8.99
C GLU A 76 10.52 15.14 8.11
N LEU A 77 9.42 15.62 8.71
CA LEU A 77 8.13 15.68 8.02
C LEU A 77 7.56 17.10 7.80
N GLY A 78 8.11 18.09 8.50
CA GLY A 78 7.56 19.45 8.43
C GLY A 78 6.19 19.62 9.06
N VAL A 79 5.91 18.83 10.09
CA VAL A 79 4.67 18.96 10.83
C VAL A 79 4.89 19.16 12.33
N ASP A 80 3.90 19.83 12.95
CA ASP A 80 3.87 20.02 14.40
C ASP A 80 2.87 19.02 14.95
N VAL A 81 3.34 18.16 15.85
CA VAL A 81 2.46 17.17 16.48
C VAL A 81 2.32 17.41 17.96
N ALA A 82 1.25 16.86 18.51
CA ALA A 82 1.11 16.67 19.95
C ALA A 82 1.43 15.23 20.26
N VAL A 83 2.26 15.02 21.27
CA VAL A 83 2.69 13.69 21.64
C VAL A 83 1.76 13.14 22.74
N GLY A 84 1.20 11.96 22.48
CA GLY A 84 0.24 11.34 23.37
C GLY A 84 0.83 10.16 24.11
N GLU A 85 0.01 9.12 24.25
CA GLU A 85 0.32 7.95 25.06
C GLU A 85 1.25 7.00 24.31
N ARG A 86 1.96 6.16 25.05
CA ARG A 86 2.73 5.08 24.48
C ARG A 86 1.89 4.19 23.61
N LEU A 87 2.52 3.72 22.55
CA LEU A 87 1.94 2.76 21.65
C LEU A 87 2.82 1.52 21.68
N GLY A 88 2.24 0.43 22.16
CA GLY A 88 2.94 -0.83 22.22
C GLY A 88 4.05 -0.86 23.24
N ALA A 89 4.89 -1.86 23.07
CA ALA A 89 5.99 -2.19 23.97
C ALA A 89 7.29 -1.55 23.48
N ASP A 90 8.18 -1.30 24.41
CA ASP A 90 9.56 -0.98 24.08
C ASP A 90 10.20 -2.12 23.37
N VAL A 91 11.08 -1.79 22.43
CA VAL A 91 11.78 -2.78 21.61
C VAL A 91 13.26 -2.58 21.85
N ALA A 92 13.95 -3.69 22.15
CA ALA A 92 15.41 -3.70 22.19
C ALA A 92 15.92 -3.73 20.76
N LEU A 93 16.43 -2.60 20.30
CA LEU A 93 16.91 -2.51 18.92
C LEU A 93 18.19 -3.29 18.80
N ASN A 94 19.05 -3.08 19.79
CA ASN A 94 20.31 -3.80 19.91
C ASN A 94 20.77 -3.65 21.36
N ASP A 95 22.01 -4.01 21.65
CA ASP A 95 22.46 -3.99 23.05
C ASP A 95 22.64 -2.57 23.61
N ALA A 96 22.55 -1.57 22.74
CA ALA A 96 22.80 -0.19 23.12
C ALA A 96 21.55 0.69 23.17
N MET A 97 20.50 0.28 22.47
CA MET A 97 19.39 1.18 22.21
C MET A 97 18.04 0.52 22.44
N THR A 98 17.10 1.35 22.89
CA THR A 98 15.71 0.97 23.06
C THR A 98 14.86 1.91 22.23
N LEU A 99 13.90 1.30 21.53
CA LEU A 99 12.98 2.01 20.66
C LEU A 99 11.60 2.03 21.29
N ARG A 100 11.04 3.23 21.37
CA ARG A 100 9.73 3.46 21.93
C ARG A 100 8.87 4.27 20.97
N ALA A 101 7.62 3.84 20.84
CA ALA A 101 6.63 4.55 20.04
C ALA A 101 5.62 5.26 20.93
N TYR A 102 5.15 6.40 20.43
CA TYR A 102 4.07 7.18 20.99
C TYR A 102 3.05 7.44 19.91
N ARG A 103 1.77 7.43 20.30
CA ARG A 103 0.71 8.00 19.49
C ARG A 103 0.96 9.50 19.39
N VAL A 104 0.83 10.04 18.18
CA VAL A 104 0.91 11.50 18.00
C VAL A 104 -0.25 11.96 17.13
N THR A 105 -0.63 13.20 17.29
CA THR A 105 -1.70 13.77 16.51
C THR A 105 -1.22 15.06 15.86
N LEU A 106 -1.72 15.28 14.66
CA LEU A 106 -1.32 16.39 13.85
C LEU A 106 -1.98 17.66 14.35
N ARG A 107 -1.17 18.64 14.71
CA ARG A 107 -1.67 19.98 15.05
C ARG A 107 -1.71 20.88 13.83
N SER A 108 -0.68 20.76 13.00
CA SER A 108 -0.48 21.66 11.88
C SER A 108 0.40 20.97 10.83
N GLY A 109 0.01 21.07 9.56
CA GLY A 109 0.88 20.67 8.43
C GLY A 109 0.39 19.47 7.62
N SER A 110 0.97 19.26 6.44
CA SER A 110 0.89 17.98 5.73
C SER A 110 2.29 17.37 5.75
N PRO A 111 2.40 16.09 6.15
CA PRO A 111 3.73 15.50 6.11
C PRO A 111 4.34 15.49 4.70
N HIS A 112 5.64 15.73 4.66
CA HIS A 112 6.43 15.73 3.43
C HIS A 112 7.71 14.97 3.70
N PRO A 113 8.16 14.14 2.75
CA PRO A 113 9.35 13.33 3.02
C PRO A 113 10.66 14.08 2.77
N HIS A 114 11.11 14.81 3.78
CA HIS A 114 12.39 15.49 3.70
C HIS A 114 13.56 14.52 3.71
N ASP A 115 13.44 13.48 4.52
CA ASP A 115 14.53 12.54 4.78
C ASP A 115 14.25 11.14 4.24
N HIS A 116 12.97 10.83 4.16
CA HIS A 116 12.51 9.53 3.70
C HIS A 116 12.34 9.49 2.18
N ARG A 117 12.48 8.28 1.64
CA ARG A 117 12.25 7.98 0.23
C ARG A 117 10.80 8.25 -0.15
N ALA A 118 9.88 7.97 0.76
CA ALA A 118 8.44 8.10 0.49
C ALA A 118 7.65 8.06 1.80
N LEU A 119 6.40 8.52 1.74
CA LEU A 119 5.44 8.41 2.85
C LEU A 119 4.18 7.77 2.32
N ARG A 120 3.40 7.16 3.21
CA ARG A 120 2.16 6.50 2.85
C ARG A 120 1.23 6.54 4.06
N TRP A 121 -0.06 6.76 3.81
CA TRP A 121 -1.08 6.57 4.83
C TRP A 121 -1.67 5.18 4.63
N VAL A 122 -1.63 4.37 5.68
CA VAL A 122 -2.09 2.98 5.58
C VAL A 122 -3.20 2.70 6.56
N GLY A 123 -4.16 1.89 6.12
CA GLY A 123 -5.22 1.42 6.99
C GLY A 123 -4.89 0.07 7.60
N ALA A 124 -5.81 -0.42 8.41
CA ALA A 124 -5.53 -1.61 9.20
C ALA A 124 -5.16 -2.81 8.36
N ASP A 125 -5.74 -2.90 7.16
CA ASP A 125 -5.53 -4.04 6.27
C ASP A 125 -4.15 -4.05 5.63
N GLU A 126 -3.42 -2.94 5.75
CA GLU A 126 -2.09 -2.83 5.13
C GLU A 126 -0.96 -2.79 6.15
N ILE A 127 -1.27 -3.05 7.41
CA ILE A 127 -0.22 -2.98 8.45
C ILE A 127 0.58 -4.28 8.48
N ASP A 128 -0.07 -5.42 8.45
CA ASP A 128 0.64 -6.68 8.61
C ASP A 128 1.58 -6.99 7.43
N GLY A 129 1.15 -6.60 6.23
CA GLY A 129 1.89 -6.94 5.02
C GLY A 129 2.95 -5.94 4.60
N LEU A 130 3.05 -4.82 5.31
CA LEU A 130 3.98 -3.77 4.95
C LEU A 130 5.43 -4.24 5.17
N ALA A 131 6.35 -3.79 4.31
CA ALA A 131 7.79 -4.12 4.46
C ALA A 131 8.45 -3.28 5.53
N TRP A 132 8.13 -3.63 6.78
CA TRP A 132 8.61 -2.91 7.92
C TRP A 132 10.10 -3.14 8.09
N VAL A 133 10.76 -2.14 8.69
CA VAL A 133 12.03 -2.36 9.32
C VAL A 133 11.82 -3.40 10.43
N PRO A 134 12.81 -4.24 10.68
CA PRO A 134 12.56 -5.38 11.56
C PRO A 134 12.04 -5.01 12.96
N ALA A 135 12.58 -3.97 13.56
CA ALA A 135 12.22 -3.67 14.95
C ALA A 135 10.75 -3.26 15.08
N ASP A 136 10.27 -2.47 14.12
CA ASP A 136 8.92 -1.93 14.20
C ASP A 136 7.82 -2.96 14.05
N ARG A 137 8.16 -4.13 13.48
N ARG A 137 8.15 -4.12 13.47
CA ARG A 137 7.17 -5.17 13.24
CA ARG A 137 7.15 -5.15 13.22
C ARG A 137 6.49 -5.61 14.52
C ARG A 137 6.50 -5.65 14.51
N ALA A 138 7.20 -5.50 15.64
CA ALA A 138 6.62 -5.84 16.94
C ALA A 138 5.32 -5.06 17.25
N TRP A 139 5.18 -3.89 16.63
CA TRP A 139 4.05 -3.02 16.89
C TRP A 139 2.82 -3.27 16.03
N VAL A 140 2.89 -4.23 15.11
CA VAL A 140 1.78 -4.44 14.17
C VAL A 140 0.40 -4.60 14.86
N PRO A 141 0.29 -5.45 15.89
CA PRO A 141 -1.03 -5.63 16.50
C PRO A 141 -1.51 -4.37 17.18
N ASP A 142 -0.58 -3.67 17.83
CA ASP A 142 -0.92 -2.42 18.48
C ASP A 142 -1.42 -1.38 17.49
N LEU A 143 -0.77 -1.33 16.32
CA LEU A 143 -1.17 -0.37 15.28
C LEU A 143 -2.53 -0.74 14.67
N VAL A 144 -2.72 -2.01 14.36
CA VAL A 144 -4.03 -2.50 13.87
C VAL A 144 -5.16 -2.15 14.85
N ALA A 145 -4.92 -2.37 16.14
CA ALA A 145 -5.88 -2.03 17.19
C ALA A 145 -6.17 -0.52 17.26
N ALA A 146 -5.12 0.30 17.17
CA ALA A 146 -5.29 1.76 17.22
C ALA A 146 -6.11 2.25 16.03
N LEU A 147 -5.99 1.55 14.91
CA LEU A 147 -6.74 1.93 13.72
C LEU A 147 -8.18 1.38 13.73
N SER A 148 -8.40 0.29 14.46
CA SER A 148 -9.74 -0.32 14.53
C SER A 148 -10.50 0.09 15.79
N MET B 21 -25.30 -21.12 -26.57
CA MET B 21 -25.01 -19.70 -26.86
C MET B 21 -23.68 -19.33 -26.21
N THR B 22 -22.98 -18.36 -26.80
CA THR B 22 -21.63 -18.05 -26.37
C THR B 22 -21.63 -17.45 -24.95
N LYS B 23 -20.62 -17.81 -24.17
CA LYS B 23 -20.32 -17.12 -22.91
C LYS B 23 -19.94 -15.65 -23.17
N GLN B 24 -20.36 -14.76 -22.27
CA GLN B 24 -19.89 -13.36 -22.28
C GLN B 24 -18.45 -13.31 -21.77
N ILE B 25 -17.60 -12.52 -22.45
CA ILE B 25 -16.22 -12.30 -22.02
C ILE B 25 -16.16 -11.07 -21.11
N VAL B 26 -15.43 -11.22 -20.02
CA VAL B 26 -15.08 -10.11 -19.13
C VAL B 26 -13.57 -9.95 -19.21
N VAL B 27 -13.14 -8.73 -19.56
CA VAL B 27 -11.71 -8.48 -19.72
C VAL B 27 -11.17 -7.66 -18.57
N ALA B 28 -9.90 -7.87 -18.28
CA ALA B 28 -9.23 -7.23 -17.16
C ALA B 28 -7.81 -6.86 -17.60
N GLY B 29 -7.26 -5.82 -16.99
CA GLY B 29 -5.97 -5.33 -17.36
C GLY B 29 -4.95 -5.41 -16.26
N ALA B 30 -3.77 -5.91 -16.62
CA ALA B 30 -2.61 -5.94 -15.72
C ALA B 30 -1.63 -4.85 -16.15
N LEU B 31 -1.65 -3.75 -15.42
CA LEU B 31 -0.81 -2.59 -15.71
C LEU B 31 0.34 -2.61 -14.72
N ILE B 32 1.54 -2.75 -15.25
CA ILE B 32 2.76 -2.70 -14.45
C ILE B 32 3.55 -1.45 -14.78
N SER B 33 3.89 -0.70 -13.74
CA SER B 33 4.67 0.52 -13.86
C SER B 33 5.60 0.57 -12.65
N ARG B 34 6.89 0.73 -12.93
CA ARG B 34 7.89 0.93 -11.89
C ARG B 34 7.96 -0.23 -10.90
N GLY B 35 7.91 -1.45 -11.44
CA GLY B 35 8.08 -2.66 -10.62
C GLY B 35 6.85 -2.97 -9.79
N THR B 36 5.73 -2.31 -10.06
CA THR B 36 4.51 -2.56 -9.31
C THR B 36 3.30 -2.74 -10.23
N LEU B 37 2.27 -3.36 -9.67
CA LEU B 37 1.03 -3.68 -10.38
C LEU B 37 -0.11 -2.85 -9.83
N LEU B 38 -0.89 -2.26 -10.72
CA LEU B 38 -2.11 -1.56 -10.34
C LEU B 38 -3.22 -2.55 -10.01
N VAL B 39 -3.75 -2.43 -8.78
CA VAL B 39 -4.91 -3.19 -8.37
C VAL B 39 -6.00 -2.26 -7.90
N ALA B 40 -7.25 -2.72 -8.04
CA ALA B 40 -8.41 -1.88 -7.82
C ALA B 40 -9.42 -2.60 -6.91
N GLN B 41 -9.89 -1.87 -5.90
CA GLN B 41 -10.75 -2.48 -4.89
C GLN B 41 -12.21 -2.27 -5.27
N ARG B 42 -12.92 -3.38 -5.48
CA ARG B 42 -14.33 -3.31 -5.89
C ARG B 42 -15.22 -2.70 -4.81
N ASP B 43 -16.31 -2.11 -5.25
CA ASP B 43 -17.32 -1.54 -4.38
C ASP B 43 -18.67 -2.28 -4.46
N ARG B 44 -18.74 -3.28 -5.35
CA ARG B 44 -19.99 -3.99 -5.67
C ARG B 44 -19.63 -5.29 -6.43
N PRO B 45 -20.53 -6.27 -6.41
CA PRO B 45 -21.67 -6.37 -5.48
C PRO B 45 -21.20 -6.74 -4.09
N ALA B 46 -22.12 -7.03 -3.18
CA ALA B 46 -21.73 -7.20 -1.78
C ALA B 46 -20.67 -8.29 -1.60
N GLU B 47 -20.77 -9.37 -2.36
CA GLU B 47 -19.85 -10.51 -2.23
C GLU B 47 -18.41 -10.17 -2.63
N LEU B 48 -18.25 -9.19 -3.50
CA LEU B 48 -16.92 -8.78 -3.94
C LEU B 48 -16.48 -7.44 -3.40
N ALA B 49 -17.38 -6.69 -2.76
CA ALA B 49 -17.07 -5.35 -2.30
C ALA B 49 -16.00 -5.43 -1.23
N GLY B 50 -14.93 -4.66 -1.43
CA GLY B 50 -13.77 -4.67 -0.52
C GLY B 50 -12.65 -5.58 -0.99
N LEU B 51 -12.91 -6.38 -2.03
CA LEU B 51 -11.90 -7.23 -2.59
C LEU B 51 -11.25 -6.62 -3.83
N TRP B 52 -10.05 -7.11 -4.12
CA TRP B 52 -9.18 -6.46 -5.11
C TRP B 52 -9.15 -7.23 -6.42
N GLU B 53 -9.05 -6.46 -7.50
CA GLU B 53 -9.12 -7.04 -8.85
C GLU B 53 -8.15 -6.35 -9.80
N LEU B 54 -7.95 -6.99 -10.94
CA LEU B 54 -7.48 -6.26 -12.10
C LEU B 54 -8.69 -5.56 -12.73
N PRO B 55 -8.60 -4.24 -12.91
CA PRO B 55 -9.75 -3.52 -13.43
C PRO B 55 -10.13 -3.91 -14.87
N GLY B 56 -11.43 -3.84 -15.16
CA GLY B 56 -11.91 -4.16 -16.47
C GLY B 56 -13.42 -4.17 -16.53
N GLY B 57 -13.96 -5.05 -17.34
CA GLY B 57 -15.43 -5.17 -17.43
C GLY B 57 -15.85 -5.96 -18.66
N LYS B 58 -17.16 -6.05 -18.87
CA LYS B 58 -17.72 -6.90 -19.89
C LYS B 58 -17.39 -6.36 -21.27
N VAL B 59 -17.08 -7.28 -22.18
CA VAL B 59 -16.99 -6.98 -23.60
C VAL B 59 -18.40 -6.95 -24.22
N THR B 60 -18.75 -5.81 -24.79
CA THR B 60 -20.04 -5.69 -25.48
C THR B 60 -19.93 -6.39 -26.81
N PRO B 61 -20.99 -7.07 -27.23
CA PRO B 61 -20.98 -7.53 -28.63
C PRO B 61 -20.71 -6.40 -29.64
N GLY B 62 -19.79 -6.62 -30.58
CA GLY B 62 -19.38 -5.56 -31.53
C GLY B 62 -18.04 -4.93 -31.24
N GLU B 63 -17.56 -5.15 -30.01
CA GLU B 63 -16.29 -4.62 -29.56
C GLU B 63 -15.29 -5.74 -29.67
N SER B 64 -14.04 -5.37 -29.87
CA SER B 64 -12.95 -6.29 -29.57
C SER B 64 -12.60 -6.24 -28.07
N ASP B 65 -11.88 -7.26 -27.64
CA ASP B 65 -11.35 -7.29 -26.28
C ASP B 65 -10.56 -6.03 -25.99
N ALA B 66 -9.73 -5.61 -26.94
CA ALA B 66 -8.90 -4.45 -26.71
C ALA B 66 -9.72 -3.17 -26.61
N ASP B 67 -10.73 -3.02 -27.48
CA ASP B 67 -11.63 -1.86 -27.43
C ASP B 67 -12.26 -1.78 -26.03
N ALA B 68 -12.78 -2.93 -25.59
CA ALA B 68 -13.53 -2.98 -24.34
C ALA B 68 -12.63 -2.62 -23.16
N LEU B 69 -11.44 -3.21 -23.15
CA LEU B 69 -10.53 -3.02 -22.02
C LEU B 69 -10.03 -1.58 -22.01
N ALA B 70 -9.62 -1.06 -23.16
CA ALA B 70 -9.17 0.32 -23.19
C ALA B 70 -10.27 1.25 -22.73
N ARG B 71 -11.49 1.02 -23.20
CA ARG B 71 -12.62 1.88 -22.80
C ARG B 71 -12.83 1.82 -21.29
N GLU B 72 -12.82 0.60 -20.73
CA GLU B 72 -13.06 0.47 -19.29
C GLU B 72 -11.98 1.19 -18.47
N LEU B 73 -10.73 1.07 -18.90
CA LEU B 73 -9.69 1.71 -18.14
C LEU B 73 -9.69 3.22 -18.31
N ARG B 74 -10.09 3.69 -19.48
CA ARG B 74 -10.30 5.13 -19.66
C ARG B 74 -11.45 5.66 -18.80
N GLU B 75 -12.58 4.96 -18.80
CA GLU B 75 -13.76 5.46 -18.08
C GLU B 75 -13.62 5.32 -16.55
N GLU B 76 -13.09 4.18 -16.10
CA GLU B 76 -12.95 3.84 -14.67
C GLU B 76 -11.75 4.54 -14.02
N LEU B 77 -10.63 4.63 -14.74
CA LEU B 77 -9.37 5.03 -14.13
C LEU B 77 -8.84 6.36 -14.67
N GLY B 78 -9.31 6.81 -15.84
CA GLY B 78 -8.77 8.02 -16.45
C GLY B 78 -7.42 7.85 -17.09
N VAL B 79 -7.13 6.63 -17.55
CA VAL B 79 -5.86 6.42 -18.20
C VAL B 79 -6.04 5.92 -19.61
N ASP B 80 -4.99 6.12 -20.40
CA ASP B 80 -4.96 5.64 -21.78
C ASP B 80 -3.91 4.54 -21.87
N VAL B 81 -4.33 3.35 -22.31
CA VAL B 81 -3.44 2.20 -22.37
C VAL B 81 -3.35 1.61 -23.76
N ALA B 82 -2.26 0.87 -23.99
CA ALA B 82 -2.16 -0.08 -25.09
C ALA B 82 -2.37 -1.48 -24.55
N VAL B 83 -3.19 -2.28 -25.23
CA VAL B 83 -3.49 -3.63 -24.79
C VAL B 83 -2.56 -4.63 -25.47
N GLY B 84 -1.87 -5.43 -24.66
CA GLY B 84 -0.88 -6.39 -25.10
C GLY B 84 -1.34 -7.82 -25.11
N GLU B 85 -0.47 -8.69 -24.63
CA GLU B 85 -0.68 -10.14 -24.67
C GLU B 85 -1.55 -10.55 -23.50
N ARG B 86 -2.16 -11.72 -23.65
CA ARG B 86 -2.84 -12.38 -22.54
C ARG B 86 -1.90 -12.59 -21.38
N LEU B 87 -2.47 -12.49 -20.19
CA LEU B 87 -1.77 -12.83 -18.97
C LEU B 87 -2.53 -13.91 -18.21
N GLY B 88 -1.90 -15.07 -18.03
CA GLY B 88 -2.50 -16.14 -17.29
C GLY B 88 -3.63 -16.79 -18.07
N ALA B 89 -4.36 -17.65 -17.37
CA ALA B 89 -5.36 -18.50 -17.97
C ALA B 89 -6.71 -17.81 -17.90
N ASP B 90 -7.61 -18.20 -18.80
CA ASP B 90 -9.00 -17.80 -18.70
C ASP B 90 -9.60 -18.45 -17.46
N VAL B 91 -10.48 -17.70 -16.81
CA VAL B 91 -11.17 -18.16 -15.60
C VAL B 91 -12.67 -18.24 -15.87
N ALA B 92 -13.23 -19.43 -15.62
CA ALA B 92 -14.66 -19.64 -15.75
C ALA B 92 -15.32 -19.07 -14.52
N LEU B 93 -16.08 -18.00 -14.70
CA LEU B 93 -16.76 -17.35 -13.58
C LEU B 93 -18.00 -18.15 -13.28
N ASN B 94 -18.70 -18.52 -14.34
CA ASN B 94 -19.92 -19.30 -14.20
C ASN B 94 -20.29 -19.84 -15.57
N ASP B 95 -21.50 -20.37 -15.68
CA ASP B 95 -22.00 -20.90 -16.94
C ASP B 95 -21.98 -19.79 -17.99
N ALA B 96 -22.15 -18.55 -17.53
CA ALA B 96 -22.49 -17.47 -18.44
C ALA B 96 -21.28 -16.65 -18.89
N MET B 97 -20.20 -16.70 -18.11
CA MET B 97 -19.11 -15.75 -18.30
C MET B 97 -17.72 -16.37 -18.18
N THR B 98 -16.79 -15.81 -18.95
CA THR B 98 -15.37 -16.11 -18.90
C THR B 98 -14.59 -14.84 -18.66
N LEU B 99 -13.62 -14.91 -17.75
CA LEU B 99 -12.76 -13.78 -17.36
C LEU B 99 -11.35 -13.97 -17.89
N ARG B 100 -10.88 -12.95 -18.62
CA ARG B 100 -9.57 -12.96 -19.25
C ARG B 100 -8.80 -11.69 -18.91
N ALA B 101 -7.52 -11.87 -18.58
CA ALA B 101 -6.60 -10.76 -18.34
C ALA B 101 -5.65 -10.56 -19.52
N TYR B 102 -5.35 -9.29 -19.75
CA TYR B 102 -4.34 -8.86 -20.68
C TYR B 102 -3.33 -7.99 -19.96
N ARG B 103 -2.06 -8.11 -20.38
CA ARG B 103 -1.06 -7.11 -20.01
C ARG B 103 -1.40 -5.80 -20.75
N VAL B 104 -1.38 -4.67 -20.05
CA VAL B 104 -1.55 -3.36 -20.66
C VAL B 104 -0.35 -2.49 -20.31
N THR B 105 -0.09 -1.53 -21.19
CA THR B 105 0.95 -0.56 -20.97
C THR B 105 0.36 0.85 -20.93
N LEU B 106 0.79 1.60 -19.94
CA LEU B 106 0.29 2.95 -19.75
C LEU B 106 0.89 3.85 -20.79
N ARG B 107 0.04 4.47 -21.57
CA ARG B 107 0.50 5.46 -22.54
C ARG B 107 0.56 6.84 -21.90
N SER B 108 -0.51 7.22 -21.20
CA SER B 108 -0.50 8.39 -20.33
C SER B 108 -1.66 8.32 -19.33
N GLY B 109 -1.61 9.26 -18.39
CA GLY B 109 -2.62 9.38 -17.36
C GLY B 109 -2.13 8.83 -16.03
N SER B 110 -2.83 9.21 -14.99
CA SER B 110 -2.54 8.74 -13.66
C SER B 110 -3.86 8.16 -13.17
N PRO B 111 -3.85 6.90 -12.74
CA PRO B 111 -5.12 6.24 -12.41
C PRO B 111 -5.76 6.83 -11.16
N HIS B 112 -7.07 7.02 -11.21
CA HIS B 112 -7.84 7.44 -10.03
C HIS B 112 -9.12 6.63 -9.99
N PRO B 113 -9.54 6.22 -8.78
CA PRO B 113 -10.72 5.39 -8.70
C PRO B 113 -12.00 6.20 -8.95
N HIS B 114 -12.79 5.79 -9.92
CA HIS B 114 -14.10 6.38 -10.14
C HIS B 114 -15.24 5.49 -9.63
N ASP B 115 -15.22 4.19 -9.94
CA ASP B 115 -16.23 3.26 -9.43
C ASP B 115 -15.66 2.39 -8.30
N HIS B 116 -14.34 2.26 -8.26
CA HIS B 116 -13.69 1.48 -7.22
C HIS B 116 -13.59 2.25 -5.91
N ARG B 117 -13.47 1.51 -4.82
CA ARG B 117 -13.20 2.07 -3.50
C ARG B 117 -11.85 2.73 -3.38
N ALA B 118 -10.86 2.11 -4.02
CA ALA B 118 -9.47 2.46 -3.86
C ALA B 118 -8.65 1.84 -4.98
N LEU B 119 -7.46 2.40 -5.19
CA LEU B 119 -6.45 1.78 -6.03
C LEU B 119 -5.17 1.67 -5.23
N ARG B 120 -4.31 0.74 -5.64
CA ARG B 120 -3.01 0.58 -5.03
C ARG B 120 -2.02 0.09 -6.08
N TRP B 121 -0.75 0.48 -5.92
CA TRP B 121 0.34 -0.13 -6.66
C TRP B 121 0.99 -1.13 -5.71
N VAL B 122 1.03 -2.40 -6.11
CA VAL B 122 1.57 -3.46 -5.28
C VAL B 122 2.75 -4.16 -5.93
N GLY B 123 3.79 -4.43 -5.14
CA GLY B 123 4.90 -5.25 -5.60
C GLY B 123 4.68 -6.71 -5.32
N ALA B 124 5.62 -7.54 -5.74
CA ALA B 124 5.51 -8.97 -5.53
C ALA B 124 5.48 -9.31 -4.04
N ASP B 125 6.04 -8.45 -3.20
CA ASP B 125 6.04 -8.70 -1.74
C ASP B 125 4.66 -8.65 -1.10
N GLU B 126 3.72 -7.92 -1.71
CA GLU B 126 2.40 -7.67 -1.12
C GLU B 126 1.28 -8.37 -1.93
N ILE B 127 1.60 -8.88 -3.11
CA ILE B 127 0.56 -9.35 -4.03
C ILE B 127 -0.15 -10.58 -3.46
N ASP B 128 0.61 -11.52 -2.89
CA ASP B 128 0.00 -12.76 -2.41
C ASP B 128 -1.04 -12.52 -1.31
N GLY B 129 -0.70 -11.61 -0.40
CA GLY B 129 -1.52 -11.36 0.77
C GLY B 129 -2.65 -10.38 0.58
N LEU B 130 -2.71 -9.75 -0.59
CA LEU B 130 -3.81 -8.87 -0.90
C LEU B 130 -5.13 -9.66 -0.93
N ALA B 131 -6.21 -9.00 -0.51
CA ALA B 131 -7.52 -9.67 -0.47
C ALA B 131 -8.14 -9.67 -1.88
N TRP B 132 -7.63 -10.58 -2.71
CA TRP B 132 -8.06 -10.68 -4.10
C TRP B 132 -9.51 -11.17 -4.18
N VAL B 133 -10.21 -10.69 -5.19
CA VAL B 133 -11.38 -11.38 -5.71
C VAL B 133 -10.96 -12.81 -6.04
N PRO B 134 -11.76 -13.82 -5.63
CA PRO B 134 -11.28 -15.19 -5.79
C PRO B 134 -10.94 -15.58 -7.23
N ALA B 135 -11.72 -15.09 -8.19
CA ALA B 135 -11.44 -15.42 -9.59
C ALA B 135 -10.05 -14.94 -9.98
N ASP B 136 -9.78 -13.67 -9.73
CA ASP B 136 -8.53 -13.05 -10.14
C ASP B 136 -7.32 -13.67 -9.47
N ARG B 137 -7.47 -14.22 -8.28
CA ARG B 137 -6.33 -14.76 -7.56
C ARG B 137 -5.61 -15.82 -8.36
N ALA B 138 -6.31 -16.47 -9.28
CA ALA B 138 -5.68 -17.44 -10.16
C ALA B 138 -4.46 -16.91 -10.91
N TRP B 139 -4.49 -15.61 -11.18
CA TRP B 139 -3.41 -14.96 -11.91
C TRP B 139 -2.19 -14.60 -11.10
N VAL B 140 -2.23 -14.78 -9.79
CA VAL B 140 -1.14 -14.26 -8.96
C VAL B 140 0.25 -14.76 -9.40
N PRO B 141 0.40 -16.07 -9.65
CA PRO B 141 1.76 -16.49 -10.06
C PRO B 141 2.22 -15.85 -11.38
N ASP B 142 1.32 -15.73 -12.35
CA ASP B 142 1.63 -15.04 -13.60
C ASP B 142 1.95 -13.57 -13.41
N LEU B 143 1.23 -12.91 -12.50
CA LEU B 143 1.50 -11.51 -12.16
C LEU B 143 2.89 -11.36 -11.50
N VAL B 144 3.20 -12.25 -10.56
CA VAL B 144 4.51 -12.24 -9.93
C VAL B 144 5.62 -12.43 -10.98
N ALA B 145 5.40 -13.34 -11.92
CA ALA B 145 6.39 -13.55 -12.96
C ALA B 145 6.55 -12.31 -13.84
N ALA B 146 5.43 -11.65 -14.19
CA ALA B 146 5.49 -10.41 -14.95
C ALA B 146 6.22 -9.27 -14.23
N LEU B 147 6.06 -9.22 -12.91
CA LEU B 147 6.73 -8.23 -12.09
C LEU B 147 8.24 -8.46 -12.00
N SER B 148 8.70 -9.71 -12.17
CA SER B 148 10.15 -9.91 -12.28
C SER B 148 10.62 -10.07 -13.75
N GLY B 149 9.69 -9.88 -14.68
CA GLY B 149 9.95 -10.18 -16.09
C GLY B 149 10.02 -8.90 -16.92
N1 523 C . 14.86 2.79 14.18
C2 523 C . 13.94 1.75 14.02
N3 523 C . 12.65 2.08 13.88
C4 523 C . 12.20 3.31 13.91
C5 523 C . 13.16 4.42 14.09
C5A 523 C . 12.74 5.86 14.07
C6 523 C . 14.48 4.07 14.15
O2 523 C . 14.28 0.53 14.00
N4 523 C . 10.88 3.55 13.82
C1' 523 C . 16.28 2.49 14.31
C2' 523 C . 17.09 2.81 13.06
C3' 523 C . 18.43 3.20 13.69
C4' 523 C . 18.11 3.77 15.06
O4' 523 C . 16.76 3.33 15.34
O3' 523 C . 19.24 2.03 13.81
C5' 523 C . 18.13 5.29 15.16
O5' 523 C . 17.15 5.80 14.27
PA 523 C . 17.42 7.00 13.25
O1A 523 C . 16.11 7.30 12.61
O2A 523 C . 18.62 6.65 12.41
O3A 523 C . 17.81 8.15 14.29
PB 523 C . 18.59 9.50 13.85
O1B 523 C . 18.41 10.38 15.09
O2B 523 C . 18.07 9.98 12.51
O3B 523 C . 20.09 8.92 13.68
PG 523 C . 21.46 9.78 13.58
O1G 523 C . 21.95 9.54 12.16
O2G 523 C . 20.99 11.18 13.88
O3G 523 C . 22.34 9.14 14.64
N1 523 D . -14.98 -9.88 -12.50
C2 523 D . -13.94 -10.52 -11.79
N3 523 D . -12.71 -10.04 -11.91
C4 523 D . -12.43 -8.93 -12.59
C5 523 D . -13.48 -8.21 -13.28
C5A 523 D . -13.22 -6.92 -14.00
C6 523 D . -14.75 -8.72 -13.13
O2 523 D . -14.14 -11.60 -11.16
N4 523 D . -11.16 -8.51 -12.65
C1' 523 D . -16.33 -10.39 -12.40
C2' 523 D . -17.24 -9.65 -11.44
C3' 523 D . -18.58 -9.78 -12.11
C4' 523 D . -18.30 -9.95 -13.59
O4' 523 D . -16.93 -10.30 -13.68
O3' 523 D . -19.23 -10.97 -11.63
C5' 523 D . -18.55 -8.68 -14.39
O5' 523 D . -17.60 -7.70 -14.01
PA 523 D . -17.96 -6.15 -13.85
O1A 523 D . -19.19 -6.13 -13.00
O2A 523 D . -16.72 -5.40 -13.42
O3A 523 D . -18.33 -5.69 -15.30
PB 523 D . -19.31 -4.50 -15.74
O1B 523 D . -19.27 -3.35 -14.76
O2B 523 D . -18.92 -4.36 -17.22
O3B 523 D . -20.77 -5.21 -15.65
C1 EDO E . 0.96 -3.52 -23.37
O1 EDO E . 0.65 -3.25 -24.74
C2 EDO E . 1.21 -5.00 -23.14
O2 EDO E . 2.46 -5.26 -22.54
#